data_2LQZ
#
_entry.id   2LQZ
#
_entity_poly.entity_id   1
_entity_poly.type   'polyribonucleotide'
_entity_poly.pdbx_seq_one_letter_code
;GGACUUCCAUUGCUUCGGCAAAAGUCC
;
_entity_poly.pdbx_strand_id   A
#